data_4IS8
#
_entry.id   4IS8
#
_cell.length_a   36.305
_cell.length_b   120.029
_cell.length_c   123.838
_cell.angle_alpha   90.00
_cell.angle_beta   90.00
_cell.angle_gamma   90.00
#
_symmetry.space_group_name_H-M   'P 21 21 21'
#
loop_
_entity.id
_entity.type
_entity.pdbx_description
1 polymer 'Nuclear receptor subfamily 5 group A member 2'
2 water water
#
_entity_poly.entity_id   1
_entity_poly.type   'polypeptide(L)'
_entity_poly.pdbx_seq_one_letter_code
;SIPHLILELLKCEPDEPQVQAKIMAYLQQEQANRSKHEKLSTFGLMCKMADQTLFSIVEWARSSIFFRELKVDDQMKLLQ
NCWSELLILDHIYRQVVHGKEGSIFLVTGQQVDYSIIASHTEVAFNNLMSHAQELVAKLRSLQFDQREFVCLKFLVLFSL
DVKNLENFQLVEGVQEQVNAALLDYTMCNYPQQTEKFGQLLLRLPEIRAISMQAEEYLYYKHLNGDVPYNNLLIEMLHA
;
_entity_poly.pdbx_strand_id   A,B
#
# COMPACT_ATOMS: atom_id res chain seq x y z
N SER A 1 -16.32 -6.51 -21.67
CA SER A 1 -15.65 -5.68 -22.72
C SER A 1 -14.24 -6.19 -23.00
N ILE A 2 -14.10 -7.51 -23.10
CA ILE A 2 -12.78 -8.14 -23.23
C ILE A 2 -12.63 -8.93 -24.54
N PRO A 3 -11.72 -8.49 -25.42
CA PRO A 3 -11.33 -9.18 -26.65
C PRO A 3 -11.08 -10.67 -26.43
N HIS A 4 -11.62 -11.50 -27.33
CA HIS A 4 -11.57 -12.96 -27.22
C HIS A 4 -10.18 -13.54 -26.94
N LEU A 5 -9.16 -12.96 -27.56
CA LEU A 5 -7.78 -13.39 -27.36
C LEU A 5 -7.35 -13.28 -25.90
N ILE A 6 -7.68 -12.14 -25.29
CA ILE A 6 -7.35 -11.87 -23.89
C ILE A 6 -8.07 -12.82 -22.93
N LEU A 7 -9.31 -13.17 -23.26
CA LEU A 7 -10.05 -14.17 -22.49
C LEU A 7 -9.29 -15.49 -22.43
N GLU A 8 -8.81 -15.93 -23.59
CA GLU A 8 -8.07 -17.19 -23.71
C GLU A 8 -6.77 -17.24 -22.90
N LEU A 9 -6.00 -16.15 -22.92
CA LEU A 9 -4.71 -16.14 -22.25
C LEU A 9 -4.83 -15.82 -20.74
N LEU A 10 -6.05 -15.53 -20.29
CA LEU A 10 -6.38 -15.44 -18.86
C LEU A 10 -6.59 -16.81 -18.25
N LYS A 11 -7.03 -17.76 -19.09
CA LYS A 11 -7.21 -19.15 -18.67
C LYS A 11 -5.88 -19.84 -18.44
N CYS A 12 -4.82 -19.25 -19.01
CA CYS A 12 -3.46 -19.78 -18.90
C CYS A 12 -2.76 -19.33 -17.63
N GLU A 13 -3.37 -18.38 -16.92
CA GLU A 13 -2.80 -17.80 -15.70
C GLU A 13 -2.70 -18.82 -14.56
N PRO A 14 -1.60 -18.76 -13.77
CA PRO A 14 -1.48 -19.64 -12.62
C PRO A 14 -2.44 -19.26 -11.50
N ASP A 15 -2.86 -20.24 -10.72
CA ASP A 15 -3.74 -20.00 -9.58
C ASP A 15 -2.93 -19.45 -8.42
N GLU A 16 -3.02 -18.13 -8.22
CA GLU A 16 -2.21 -17.40 -7.23
C GLU A 16 -2.25 -17.96 -5.80
N PRO A 17 -3.46 -18.15 -5.22
CA PRO A 17 -3.58 -18.65 -3.84
C PRO A 17 -2.79 -19.93 -3.53
N GLN A 18 -2.72 -20.85 -4.48
CA GLN A 18 -1.94 -22.08 -4.30
C GLN A 18 -0.48 -21.94 -4.73
N VAL A 19 -0.21 -21.01 -5.65
CA VAL A 19 1.17 -20.65 -6.03
C VAL A 19 1.92 -20.11 -4.80
N GLN A 20 1.26 -19.23 -4.06
CA GLN A 20 1.81 -18.65 -2.83
C GLN A 20 1.99 -19.71 -1.73
N ALA A 21 1.15 -20.74 -1.77
CA ALA A 21 1.19 -21.83 -0.80
C ALA A 21 2.42 -22.72 -0.96
N LYS A 22 2.69 -23.16 -2.20
CA LYS A 22 3.82 -24.04 -2.50
C LYS A 22 5.15 -23.40 -2.09
N ILE A 23 5.33 -22.14 -2.47
CA ILE A 23 6.55 -21.38 -2.20
C ILE A 23 6.75 -21.15 -0.71
N MET A 24 5.68 -20.79 0.00
CA MET A 24 5.72 -20.64 1.46
C MET A 24 6.10 -21.95 2.13
N ALA A 25 5.59 -23.06 1.62
CA ALA A 25 5.86 -24.40 2.15
C ALA A 25 7.28 -24.88 1.85
N TYR A 26 7.74 -24.65 0.62
CA TYR A 26 9.11 -25.00 0.20
C TYR A 26 10.15 -24.27 1.05
N LEU A 27 9.90 -22.99 1.29
CA LEU A 27 10.81 -22.16 2.09
C LEU A 27 10.89 -22.60 3.55
N GLN A 28 9.73 -22.83 4.18
CA GLN A 28 9.68 -23.05 5.63
C GLN A 28 9.86 -24.50 6.11
N GLN A 29 9.00 -25.42 5.68
CA GLN A 29 9.10 -26.81 6.13
C GLN A 29 10.30 -27.52 5.49
N GLU A 30 10.71 -27.05 4.32
CA GLU A 30 11.95 -27.50 3.71
C GLU A 30 13.11 -26.62 4.19
N GLN A 31 13.21 -26.47 5.50
CA GLN A 31 14.35 -25.86 6.18
C GLN A 31 14.64 -26.68 7.45
N ALA A 32 15.41 -27.74 7.27
CA ALA A 32 15.79 -28.63 8.37
C ALA A 32 17.23 -29.11 8.21
N LYS A 39 21.98 -23.40 7.37
CA LYS A 39 21.05 -22.36 7.79
C LYS A 39 21.17 -21.11 6.91
N LEU A 40 20.02 -20.63 6.43
CA LEU A 40 19.97 -19.55 5.44
C LEU A 40 19.80 -18.17 6.07
N SER A 41 20.56 -17.21 5.56
CA SER A 41 20.49 -15.82 6.01
C SER A 41 19.27 -15.10 5.42
N THR A 42 19.21 -13.78 5.60
CA THR A 42 18.13 -12.97 5.07
C THR A 42 18.17 -12.84 3.54
N PHE A 43 19.38 -12.95 2.98
CA PHE A 43 19.60 -12.85 1.54
C PHE A 43 19.26 -14.17 0.84
N GLY A 44 19.57 -15.28 1.49
CA GLY A 44 19.33 -16.62 0.94
C GLY A 44 17.87 -17.00 0.79
N LEU A 45 17.00 -16.23 1.43
CA LEU A 45 15.55 -16.39 1.29
C LEU A 45 15.10 -15.73 -0.01
N MET A 46 15.41 -14.45 -0.14
CA MET A 46 15.04 -13.62 -1.29
C MET A 46 15.54 -14.21 -2.62
N CYS A 47 16.55 -15.08 -2.53
CA CYS A 47 17.07 -15.80 -3.69
C CYS A 47 16.22 -17.03 -4.01
N LYS A 48 16.15 -17.95 -3.04
CA LYS A 48 15.38 -19.20 -3.19
C LYS A 48 13.90 -18.94 -3.43
N MET A 49 13.41 -17.79 -2.96
CA MET A 49 12.05 -17.33 -3.21
C MET A 49 11.88 -16.93 -4.68
N ALA A 50 12.79 -16.10 -5.17
CA ALA A 50 12.81 -15.69 -6.58
C ALA A 50 13.10 -16.87 -7.50
N ASP A 51 13.85 -17.85 -7.00
CA ASP A 51 14.14 -19.08 -7.73
C ASP A 51 12.88 -19.94 -7.87
N GLN A 52 12.04 -19.93 -6.84
CA GLN A 52 10.77 -20.66 -6.85
C GLN A 52 9.70 -19.90 -7.64
N THR A 53 9.76 -18.57 -7.58
CA THR A 53 8.94 -17.72 -8.42
C THR A 53 9.25 -18.01 -9.89
N LEU A 54 10.54 -18.12 -10.20
CA LEU A 54 11.01 -18.44 -11.56
C LEU A 54 10.56 -19.82 -12.02
N PHE A 55 10.61 -20.80 -11.11
CA PHE A 55 10.16 -22.16 -11.37
C PHE A 55 8.68 -22.18 -11.79
N SER A 56 7.90 -21.29 -11.19
CA SER A 56 6.48 -21.15 -11.49
C SER A 56 6.23 -20.44 -12.82
N ILE A 57 7.01 -19.38 -13.08
CA ILE A 57 6.91 -18.61 -14.33
C ILE A 57 7.22 -19.48 -15.54
N VAL A 58 8.23 -20.34 -15.41
CA VAL A 58 8.61 -21.29 -16.45
C VAL A 58 7.47 -22.29 -16.71
N GLU A 59 6.85 -22.77 -15.64
CA GLU A 59 5.72 -23.70 -15.73
C GLU A 59 4.46 -23.06 -16.31
N TRP A 60 4.27 -21.76 -16.02
CA TRP A 60 3.21 -20.99 -16.65
C TRP A 60 3.45 -20.88 -18.15
N ALA A 61 4.71 -20.66 -18.52
CA ALA A 61 5.10 -20.47 -19.92
C ALA A 61 4.86 -21.71 -20.78
N ARG A 62 5.45 -22.84 -20.39
CA ARG A 62 5.45 -24.04 -21.23
C ARG A 62 4.15 -24.86 -21.19
N SER A 63 3.13 -24.34 -20.52
CA SER A 63 1.81 -24.96 -20.49
C SER A 63 0.74 -24.02 -21.05
N SER A 64 1.13 -22.79 -21.32
CA SER A 64 0.20 -21.76 -21.82
C SER A 64 -0.01 -21.84 -23.33
N ILE A 65 -1.13 -21.27 -23.78
CA ILE A 65 -1.54 -21.29 -25.18
C ILE A 65 -0.48 -20.66 -26.12
N PHE A 66 -0.43 -21.16 -27.35
CA PHE A 66 0.52 -20.75 -28.39
C PHE A 66 1.97 -21.15 -28.08
N PHE A 67 2.47 -20.74 -26.92
CA PHE A 67 3.83 -21.07 -26.48
C PHE A 67 4.05 -22.58 -26.44
N ARG A 68 3.02 -23.32 -26.03
CA ARG A 68 3.08 -24.79 -25.99
C ARG A 68 3.19 -25.44 -27.37
N GLU A 69 2.97 -24.65 -28.41
CA GLU A 69 3.09 -25.13 -29.79
C GLU A 69 4.54 -25.30 -30.21
N LEU A 70 5.41 -24.41 -29.71
CA LEU A 70 6.83 -24.40 -30.06
C LEU A 70 7.59 -25.62 -29.55
N LYS A 71 8.64 -25.98 -30.29
CA LYS A 71 9.57 -27.03 -29.86
C LYS A 71 10.47 -26.47 -28.76
N VAL A 72 11.04 -27.37 -27.95
CA VAL A 72 11.86 -27.00 -26.78
C VAL A 72 12.92 -25.94 -27.11
N ASP A 73 13.58 -26.10 -28.25
CA ASP A 73 14.59 -25.16 -28.74
C ASP A 73 14.10 -23.71 -28.67
N ASP A 74 13.00 -23.43 -29.37
CA ASP A 74 12.42 -22.09 -29.44
C ASP A 74 11.96 -21.57 -28.10
N GLN A 75 11.32 -22.44 -27.31
CA GLN A 75 10.90 -22.12 -25.96
C GLN A 75 12.07 -21.60 -25.13
N MET A 76 13.20 -22.29 -25.23
CA MET A 76 14.39 -21.97 -24.44
C MET A 76 15.07 -20.68 -24.87
N LYS A 77 15.08 -20.41 -26.17
CA LYS A 77 15.58 -19.14 -26.70
C LYS A 77 14.70 -17.98 -26.20
N LEU A 78 13.39 -18.23 -26.16
CA LEU A 78 12.41 -17.28 -25.63
C LEU A 78 12.61 -17.00 -24.14
N LEU A 79 12.77 -18.06 -23.35
CA LEU A 79 12.99 -17.91 -21.90
C LEU A 79 14.32 -17.24 -21.54
N GLN A 80 15.35 -17.51 -22.34
CA GLN A 80 16.69 -16.94 -22.12
C GLN A 80 16.70 -15.41 -22.21
N ASN A 81 15.86 -14.87 -23.09
CA ASN A 81 15.80 -13.43 -23.33
C ASN A 81 15.04 -12.65 -22.25
N CYS A 82 14.03 -13.25 -21.64
CA CYS A 82 13.06 -12.47 -20.86
C CYS A 82 12.74 -12.94 -19.43
N TRP A 83 13.34 -14.05 -18.99
CA TRP A 83 13.06 -14.63 -17.66
C TRP A 83 13.09 -13.61 -16.52
N SER A 84 14.10 -12.72 -16.55
CA SER A 84 14.31 -11.72 -15.51
C SER A 84 13.26 -10.61 -15.55
N GLU A 85 12.83 -10.27 -16.76
CA GLU A 85 11.76 -9.29 -16.96
C GLU A 85 10.43 -9.82 -16.44
N LEU A 86 10.20 -11.12 -16.65
CA LEU A 86 9.00 -11.80 -16.15
C LEU A 86 9.05 -11.95 -14.63
N LEU A 87 10.26 -12.04 -14.09
CA LEU A 87 10.48 -12.12 -12.65
C LEU A 87 10.21 -10.77 -11.98
N ILE A 88 10.54 -9.69 -12.68
CA ILE A 88 10.34 -8.34 -12.16
C ILE A 88 8.93 -7.81 -12.45
N LEU A 89 8.39 -8.13 -13.61
CA LEU A 89 6.99 -7.80 -13.93
C LEU A 89 6.05 -8.47 -12.93
N ASP A 90 6.34 -9.73 -12.59
CA ASP A 90 5.57 -10.46 -11.59
C ASP A 90 5.63 -9.74 -10.24
N HIS A 91 6.81 -9.27 -9.87
CA HIS A 91 6.99 -8.50 -8.63
C HIS A 91 6.30 -7.15 -8.70
N ILE A 92 6.57 -6.40 -9.77
CA ILE A 92 5.94 -5.10 -10.01
C ILE A 92 4.42 -5.17 -9.85
N TYR A 93 3.83 -6.16 -10.52
CA TYR A 93 2.38 -6.32 -10.51
C TYR A 93 1.83 -6.73 -9.14
N ARG A 94 2.60 -7.53 -8.40
CA ARG A 94 2.21 -7.93 -7.04
C ARG A 94 2.16 -6.72 -6.10
N GLN A 95 2.96 -5.70 -6.41
CA GLN A 95 2.97 -4.47 -5.63
C GLN A 95 1.81 -3.54 -5.98
N VAL A 96 1.36 -3.60 -7.23
CA VAL A 96 0.25 -2.77 -7.70
C VAL A 96 -1.07 -3.17 -7.02
N VAL A 97 -1.41 -4.44 -7.07
CA VAL A 97 -2.66 -4.95 -6.49
C VAL A 97 -2.62 -5.11 -4.96
N HIS A 98 -1.59 -5.79 -4.45
CA HIS A 98 -1.51 -6.10 -3.03
C HIS A 98 -0.63 -5.16 -2.21
N GLY A 99 0.47 -4.71 -2.80
CA GLY A 99 1.43 -3.84 -2.11
C GLY A 99 0.91 -2.42 -1.91
N LYS A 100 1.40 -1.78 -0.85
CA LYS A 100 1.05 -0.40 -0.52
C LYS A 100 2.27 0.32 0.05
N GLU A 101 2.41 1.61 -0.25
CA GLU A 101 3.62 2.39 0.08
C GLU A 101 4.22 2.13 1.46
N GLY A 102 5.55 2.07 1.49
CA GLY A 102 6.29 1.74 2.71
C GLY A 102 6.23 0.25 3.03
N SER A 103 5.67 -0.53 2.11
CA SER A 103 5.54 -1.98 2.27
C SER A 103 5.72 -2.73 0.95
N ILE A 104 6.23 -3.96 1.07
CA ILE A 104 6.48 -4.84 -0.08
C ILE A 104 5.77 -6.17 0.12
N PHE A 105 4.99 -6.57 -0.87
CA PHE A 105 4.24 -7.82 -0.82
C PHE A 105 5.01 -8.95 -1.50
N LEU A 106 5.29 -10.02 -0.74
CA LEU A 106 6.06 -11.15 -1.23
C LEU A 106 5.17 -12.21 -1.88
N VAL A 107 5.80 -13.12 -2.63
CA VAL A 107 5.09 -14.22 -3.30
C VAL A 107 4.64 -15.30 -2.28
N THR A 108 4.60 -14.91 -1.01
CA THR A 108 4.22 -15.80 0.07
C THR A 108 3.03 -15.25 0.87
N GLY A 109 2.48 -14.13 0.40
CA GLY A 109 1.44 -13.42 1.13
C GLY A 109 2.04 -12.49 2.17
N GLN A 110 3.28 -12.79 2.56
CA GLN A 110 4.02 -12.00 3.54
C GLN A 110 4.21 -10.55 3.11
N GLN A 111 3.89 -9.63 4.01
CA GLN A 111 4.12 -8.21 3.79
C GLN A 111 5.29 -7.72 4.65
N VAL A 112 6.26 -7.09 3.99
CA VAL A 112 7.45 -6.55 4.64
C VAL A 112 7.57 -5.07 4.29
N ASP A 113 8.09 -4.28 5.23
CA ASP A 113 8.20 -2.83 5.05
C ASP A 113 9.36 -2.45 4.12
N TYR A 114 9.21 -1.32 3.42
CA TYR A 114 10.26 -0.81 2.53
C TYR A 114 11.54 -0.45 3.28
N SER A 115 11.40 0.23 4.41
CA SER A 115 12.53 0.63 5.23
C SER A 115 13.18 -0.54 5.97
N ILE A 116 12.36 -1.51 6.36
CA ILE A 116 12.86 -2.74 7.00
C ILE A 116 13.78 -3.53 6.07
N ILE A 117 13.44 -3.55 4.77
CA ILE A 117 14.25 -4.24 3.78
C ILE A 117 15.31 -3.32 3.14
N ALA A 118 15.23 -2.03 3.44
CA ALA A 118 16.25 -1.07 3.01
C ALA A 118 17.56 -1.26 3.78
N SER A 119 17.45 -1.88 4.96
CA SER A 119 18.60 -2.16 5.81
C SER A 119 19.17 -3.56 5.55
N HIS A 120 18.29 -4.55 5.37
CA HIS A 120 18.69 -5.95 5.23
C HIS A 120 19.41 -6.27 3.92
N THR A 121 19.57 -5.24 3.07
CA THR A 121 20.27 -5.37 1.79
C THR A 121 21.04 -4.07 1.49
N GLU A 122 22.15 -4.21 0.76
CA GLU A 122 23.09 -3.10 0.51
C GLU A 122 22.56 -2.03 -0.47
N VAL A 123 23.38 -1.00 -0.68
CA VAL A 123 23.01 0.21 -1.43
C VAL A 123 22.46 -0.03 -2.84
N ALA A 124 23.21 -0.79 -3.64
CA ALA A 124 22.84 -1.08 -5.04
C ALA A 124 21.44 -1.67 -5.15
N PHE A 125 21.12 -2.58 -4.23
CA PHE A 125 19.82 -3.24 -4.18
C PHE A 125 18.68 -2.25 -3.91
N ASN A 126 18.99 -1.16 -3.21
CA ASN A 126 17.98 -0.15 -2.90
C ASN A 126 17.76 0.87 -4.03
N ASN A 127 18.64 0.84 -5.03
CA ASN A 127 18.42 1.58 -6.28
C ASN A 127 17.43 0.81 -7.14
N LEU A 128 17.58 -0.51 -7.14
CA LEU A 128 16.50 -1.42 -7.51
C LEU A 128 15.47 -1.29 -6.40
N MET A 129 14.27 -1.84 -6.60
CA MET A 129 13.16 -1.66 -5.64
C MET A 129 12.66 -0.20 -5.64
N SER A 130 13.58 0.75 -5.50
CA SER A 130 13.25 2.18 -5.57
C SER A 130 12.86 2.60 -6.98
N HIS A 131 13.55 2.06 -7.97
CA HIS A 131 13.17 2.27 -9.37
C HIS A 131 11.99 1.38 -9.71
N ALA A 132 11.93 0.22 -9.04
CA ALA A 132 10.81 -0.71 -9.20
C ALA A 132 9.50 -0.12 -8.69
N GLN A 133 9.57 0.62 -7.58
CA GLN A 133 8.39 1.29 -7.02
C GLN A 133 7.97 2.54 -7.80
N GLU A 134 8.87 3.07 -8.62
CA GLU A 134 8.55 4.13 -9.57
C GLU A 134 7.64 3.60 -10.68
N LEU A 135 7.93 2.37 -11.12
CA LEU A 135 7.09 1.67 -12.09
C LEU A 135 5.77 1.23 -11.48
N VAL A 136 5.83 0.81 -10.21
CA VAL A 136 4.64 0.43 -9.45
C VAL A 136 3.69 1.63 -9.33
N ALA A 137 4.25 2.80 -9.08
CA ALA A 137 3.48 4.04 -8.95
C ALA A 137 2.84 4.49 -10.27
N LYS A 138 3.58 4.39 -11.36
CA LYS A 138 3.09 4.79 -12.68
C LYS A 138 1.97 3.89 -13.19
N LEU A 139 2.13 2.59 -12.98
CA LEU A 139 1.11 1.59 -13.33
C LEU A 139 -0.13 1.73 -12.46
N ARG A 140 0.06 2.26 -11.24
CA ARG A 140 -1.02 2.43 -10.28
C ARG A 140 -1.97 3.55 -10.66
N SER A 141 -1.40 4.71 -11.02
CA SER A 141 -2.18 5.87 -11.46
C SER A 141 -2.86 5.59 -12.79
N LEU A 142 -2.20 4.78 -13.62
CA LEU A 142 -2.71 4.39 -14.93
C LEU A 142 -3.84 3.35 -14.86
N GLN A 143 -4.05 2.77 -13.67
CA GLN A 143 -5.08 1.74 -13.45
C GLN A 143 -4.76 0.44 -14.19
N PHE A 144 -3.48 0.07 -14.17
CA PHE A 144 -2.97 -1.13 -14.85
C PHE A 144 -3.53 -2.40 -14.21
N ASP A 145 -4.55 -2.97 -14.85
CA ASP A 145 -5.28 -4.13 -14.30
C ASP A 145 -4.75 -5.48 -14.77
N GLN A 146 -5.36 -6.56 -14.27
CA GLN A 146 -4.97 -7.94 -14.59
C GLN A 146 -4.99 -8.21 -16.09
N ARG A 147 -5.95 -7.60 -16.79
CA ARG A 147 -6.16 -7.82 -18.21
C ARG A 147 -5.02 -7.28 -19.08
N GLU A 148 -4.62 -6.04 -18.80
CA GLU A 148 -3.47 -5.44 -19.48
C GLU A 148 -2.16 -6.06 -19.00
N PHE A 149 -2.16 -6.54 -17.76
CA PHE A 149 -1.00 -7.21 -17.17
C PHE A 149 -0.62 -8.48 -17.94
N VAL A 150 -1.58 -9.40 -18.04
CA VAL A 150 -1.38 -10.68 -18.71
C VAL A 150 -1.09 -10.49 -20.20
N CYS A 151 -1.45 -9.32 -20.73
CA CYS A 151 -1.12 -8.94 -22.10
C CYS A 151 0.36 -8.58 -22.21
N LEU A 152 0.88 -7.86 -21.22
CA LEU A 152 2.29 -7.48 -21.18
C LEU A 152 3.22 -8.69 -21.00
N LYS A 153 2.77 -9.69 -20.26
CA LYS A 153 3.52 -10.93 -20.04
C LYS A 153 3.89 -11.60 -21.37
N PHE A 154 2.88 -11.79 -22.23
CA PHE A 154 3.07 -12.41 -23.54
C PHE A 154 3.86 -11.50 -24.47
N LEU A 155 3.64 -10.19 -24.34
CA LEU A 155 4.44 -9.19 -25.05
C LEU A 155 5.92 -9.26 -24.65
N VAL A 156 6.18 -9.70 -23.42
CA VAL A 156 7.53 -9.88 -22.91
C VAL A 156 8.06 -11.27 -23.29
N LEU A 157 7.19 -12.26 -23.30
CA LEU A 157 7.56 -13.63 -23.65
C LEU A 157 7.83 -13.80 -25.15
N PHE A 158 7.05 -13.09 -25.98
CA PHE A 158 7.18 -13.14 -27.43
C PHE A 158 7.64 -11.80 -27.98
N SER A 159 8.93 -11.48 -27.78
CA SER A 159 9.49 -10.21 -28.24
C SER A 159 10.20 -10.34 -29.59
N LEU A 160 10.15 -9.27 -30.39
CA LEU A 160 10.74 -9.23 -31.73
C LEU A 160 12.27 -9.29 -31.70
N ASP A 161 12.84 -8.90 -30.57
CA ASP A 161 14.29 -8.80 -30.39
C ASP A 161 15.01 -10.15 -30.51
N VAL A 162 14.34 -11.23 -30.09
CA VAL A 162 14.88 -12.58 -30.16
C VAL A 162 15.16 -12.97 -31.60
N LYS A 163 16.39 -13.42 -31.87
CA LYS A 163 16.80 -13.78 -33.22
C LYS A 163 17.09 -15.27 -33.37
N ASN A 164 17.18 -15.71 -34.63
CA ASN A 164 17.40 -17.13 -35.00
C ASN A 164 16.34 -18.11 -34.46
N LEU A 165 15.08 -17.68 -34.46
CA LEU A 165 13.98 -18.54 -34.05
C LEU A 165 13.50 -19.43 -35.20
N GLU A 166 13.20 -20.68 -34.87
CA GLU A 166 12.74 -21.68 -35.83
C GLU A 166 11.36 -21.33 -36.38
N ASN A 167 10.37 -21.24 -35.49
CA ASN A 167 9.04 -20.76 -35.85
C ASN A 167 8.91 -19.29 -35.47
N PHE A 168 9.77 -18.46 -36.07
CA PHE A 168 9.72 -17.01 -35.88
C PHE A 168 8.34 -16.49 -36.24
N GLN A 169 7.77 -17.09 -37.28
CA GLN A 169 6.43 -16.77 -37.80
C GLN A 169 5.37 -16.65 -36.72
N LEU A 170 5.22 -17.70 -35.91
CA LEU A 170 4.21 -17.73 -34.84
C LEU A 170 4.46 -16.66 -33.77
N VAL A 171 5.73 -16.47 -33.40
CA VAL A 171 6.13 -15.44 -32.45
C VAL A 171 5.79 -14.04 -32.97
N GLU A 172 6.01 -13.82 -34.27
CA GLU A 172 5.64 -12.56 -34.94
C GLU A 172 4.13 -12.35 -34.86
N GLY A 173 3.38 -13.44 -35.00
CA GLY A 173 1.92 -13.40 -34.96
C GLY A 173 1.37 -13.02 -33.60
N VAL A 174 1.75 -13.81 -32.58
CA VAL A 174 1.29 -13.60 -31.20
C VAL A 174 1.49 -12.16 -30.73
N GLN A 175 2.73 -11.66 -30.84
CA GLN A 175 3.07 -10.28 -30.45
C GLN A 175 2.14 -9.26 -31.13
N GLU A 176 1.99 -9.41 -32.44
CA GLU A 176 1.13 -8.54 -33.25
C GLU A 176 -0.33 -8.56 -32.78
N GLN A 177 -0.82 -9.76 -32.44
CA GLN A 177 -2.20 -9.92 -31.99
C GLN A 177 -2.46 -9.48 -30.56
N VAL A 178 -1.51 -9.76 -29.66
CA VAL A 178 -1.61 -9.31 -28.27
C VAL A 178 -1.50 -7.79 -28.23
N ASN A 179 -0.60 -7.23 -29.05
CA ASN A 179 -0.54 -5.77 -29.27
C ASN A 179 -1.86 -5.19 -29.77
N ALA A 180 -2.55 -5.97 -30.61
CA ALA A 180 -3.85 -5.55 -31.15
C ALA A 180 -4.95 -5.68 -30.11
N ALA A 181 -5.04 -6.85 -29.48
CA ALA A 181 -6.03 -7.11 -28.42
C ALA A 181 -5.89 -6.13 -27.26
N LEU A 182 -4.63 -5.79 -26.92
CA LEU A 182 -4.33 -4.85 -25.85
C LEU A 182 -4.87 -3.46 -26.14
N LEU A 183 -4.47 -2.87 -27.26
CA LEU A 183 -4.94 -1.53 -27.66
C LEU A 183 -6.46 -1.47 -27.79
N ASP A 184 -7.04 -2.51 -28.40
CA ASP A 184 -8.49 -2.65 -28.51
C ASP A 184 -9.11 -2.64 -27.11
N TYR A 185 -8.51 -3.38 -26.18
CA TYR A 185 -9.00 -3.46 -24.81
C TYR A 185 -8.90 -2.12 -24.06
N THR A 186 -7.69 -1.55 -24.02
CA THR A 186 -7.41 -0.38 -23.19
C THR A 186 -7.96 0.95 -23.73
N MET A 187 -8.44 0.95 -24.97
CA MET A 187 -9.22 2.06 -25.49
C MET A 187 -10.67 1.91 -25.00
N CYS A 188 -11.16 0.68 -25.02
CA CYS A 188 -12.53 0.37 -24.60
C CYS A 188 -12.73 0.53 -23.09
N ASN A 189 -11.83 -0.06 -22.30
CA ASN A 189 -11.98 -0.08 -20.84
C ASN A 189 -11.50 1.18 -20.13
N TYR A 190 -10.53 1.87 -20.73
CA TYR A 190 -10.01 3.12 -20.16
C TYR A 190 -9.86 4.20 -21.24
N PRO A 191 -11.00 4.77 -21.69
CA PRO A 191 -11.04 5.78 -22.74
C PRO A 191 -10.78 7.19 -22.23
N GLN A 192 -11.23 7.48 -21.00
CA GLN A 192 -10.99 8.76 -20.33
C GLN A 192 -9.50 8.90 -20.07
N GLN A 193 -8.88 7.79 -19.65
CA GLN A 193 -7.43 7.67 -19.60
C GLN A 193 -6.94 7.35 -21.00
N THR A 194 -7.02 8.35 -21.88
CA THR A 194 -6.82 8.17 -23.32
C THR A 194 -5.51 7.47 -23.67
N GLU A 195 -4.40 8.12 -23.34
CA GLU A 195 -3.06 7.73 -23.78
C GLU A 195 -2.46 6.55 -23.02
N LYS A 196 -3.31 5.65 -22.53
CA LYS A 196 -2.88 4.54 -21.69
C LYS A 196 -2.04 3.49 -22.42
N PHE A 197 -2.56 2.98 -23.53
CA PHE A 197 -1.89 1.93 -24.31
C PHE A 197 -0.41 2.23 -24.58
N GLY A 198 -0.14 3.47 -24.98
CA GLY A 198 1.23 3.92 -25.25
C GLY A 198 2.12 3.92 -24.02
N GLN A 199 1.59 4.44 -22.92
CA GLN A 199 2.35 4.57 -21.67
C GLN A 199 2.63 3.24 -20.98
N LEU A 200 1.79 2.23 -21.22
CA LEU A 200 2.05 0.88 -20.69
C LEU A 200 2.96 0.07 -21.61
N LEU A 201 3.02 0.45 -22.89
CA LEU A 201 4.01 -0.10 -23.82
C LEU A 201 5.37 0.51 -23.55
N LEU A 202 5.38 1.74 -23.03
CA LEU A 202 6.59 2.49 -22.74
C LEU A 202 7.37 1.90 -21.56
N ARG A 203 6.71 1.05 -20.78
CA ARG A 203 7.31 0.44 -19.58
C ARG A 203 8.20 -0.76 -19.89
N LEU A 204 7.99 -1.37 -21.06
CA LEU A 204 8.70 -2.59 -21.44
C LEU A 204 10.22 -2.44 -21.58
N PRO A 205 10.71 -1.24 -22.01
CA PRO A 205 12.14 -0.97 -21.88
C PRO A 205 12.57 -0.74 -20.43
N GLU A 206 11.73 -0.06 -19.65
CA GLU A 206 12.01 0.21 -18.23
C GLU A 206 12.13 -1.09 -17.42
N ILE A 207 11.23 -2.03 -17.69
CA ILE A 207 11.28 -3.36 -17.06
C ILE A 207 12.50 -4.13 -17.54
N ARG A 208 12.85 -3.96 -18.82
CA ARG A 208 14.05 -4.55 -19.40
C ARG A 208 15.34 -3.89 -18.85
N ALA A 209 15.19 -2.68 -18.33
CA ALA A 209 16.32 -1.97 -17.70
C ALA A 209 16.56 -2.42 -16.25
N ILE A 210 15.49 -2.50 -15.46
CA ILE A 210 15.58 -2.98 -14.08
C ILE A 210 16.07 -4.42 -14.02
N SER A 211 15.56 -5.25 -14.93
CA SER A 211 15.97 -6.66 -15.04
C SER A 211 17.45 -6.81 -15.38
N MET A 212 17.98 -5.87 -16.13
CA MET A 212 19.38 -5.87 -16.54
C MET A 212 20.29 -5.54 -15.35
N GLN A 213 19.81 -4.66 -14.47
CA GLN A 213 20.50 -4.34 -13.22
C GLN A 213 20.34 -5.47 -12.20
N ALA A 214 19.16 -6.09 -12.18
CA ALA A 214 18.88 -7.20 -11.28
C ALA A 214 19.84 -8.37 -11.52
N GLU A 215 20.13 -8.63 -12.79
CA GLU A 215 21.06 -9.69 -13.19
C GLU A 215 22.50 -9.35 -12.80
N GLU A 216 22.89 -8.10 -13.02
CA GLU A 216 24.25 -7.64 -12.70
C GLU A 216 24.53 -7.69 -11.20
N TYR A 217 23.52 -7.35 -10.40
CA TYR A 217 23.56 -7.47 -8.95
C TYR A 217 23.65 -8.94 -8.55
N LEU A 218 22.76 -9.75 -9.12
CA LEU A 218 22.66 -11.18 -8.79
C LEU A 218 23.90 -11.96 -9.24
N TYR A 219 24.51 -11.55 -10.34
CA TYR A 219 25.72 -12.21 -10.84
C TYR A 219 26.93 -11.95 -9.94
N TYR A 220 27.12 -10.70 -9.53
CA TYR A 220 28.15 -10.35 -8.55
C TYR A 220 28.03 -11.24 -7.32
N LYS A 221 26.84 -11.27 -6.76
CA LYS A 221 26.57 -12.00 -5.51
C LYS A 221 26.86 -13.49 -5.61
N HIS A 222 26.72 -14.03 -6.82
CA HIS A 222 27.05 -15.43 -7.10
C HIS A 222 28.55 -15.68 -6.96
N LEU A 223 29.36 -14.85 -7.63
CA LEU A 223 30.82 -14.95 -7.58
C LEU A 223 31.36 -14.50 -6.22
N ASN A 224 30.56 -13.72 -5.50
CA ASN A 224 30.90 -13.25 -4.16
C ASN A 224 30.58 -14.29 -3.09
N GLY A 225 29.95 -15.40 -3.50
CA GLY A 225 29.69 -16.54 -2.63
C GLY A 225 28.44 -16.45 -1.76
N ASP A 226 27.59 -15.45 -2.05
CA ASP A 226 26.41 -15.20 -1.23
C ASP A 226 25.15 -15.90 -1.75
N VAL A 227 25.33 -16.83 -2.69
CA VAL A 227 24.18 -17.45 -3.38
C VAL A 227 24.20 -18.99 -3.31
N PRO A 228 23.09 -19.58 -2.82
CA PRO A 228 22.93 -21.05 -2.76
C PRO A 228 22.74 -21.66 -4.13
N LEU A 232 18.67 -23.15 -10.31
CA LEU A 232 17.92 -22.82 -11.52
C LEU A 232 17.93 -21.32 -11.80
N LEU A 233 18.03 -20.52 -10.74
CA LEU A 233 18.12 -19.07 -10.86
C LEU A 233 19.48 -18.65 -11.41
N ILE A 234 20.53 -19.40 -11.06
CA ILE A 234 21.89 -19.16 -11.54
C ILE A 234 22.07 -19.81 -12.91
N GLU A 235 21.54 -21.01 -13.07
CA GLU A 235 21.53 -21.75 -14.33
C GLU A 235 21.08 -20.88 -15.51
N MET A 236 20.01 -20.12 -15.28
CA MET A 236 19.45 -19.23 -16.30
C MET A 236 20.38 -18.05 -16.62
N LEU A 237 21.08 -17.57 -15.59
CA LEU A 237 22.01 -16.44 -15.73
C LEU A 237 23.30 -16.88 -16.43
N HIS A 238 23.89 -17.97 -15.94
CA HIS A 238 25.13 -18.52 -16.48
C HIS A 238 24.88 -19.25 -17.81
N ALA A 239 24.22 -18.56 -18.71
CA ALA A 239 23.94 -19.08 -20.03
C ALA A 239 23.89 -17.95 -21.03
N SER B 1 16.37 6.86 20.94
CA SER B 1 16.11 7.72 22.13
C SER B 1 14.61 7.75 22.44
N ILE B 2 14.05 6.59 22.76
CA ILE B 2 12.61 6.49 23.03
C ILE B 2 12.34 6.10 24.49
N PRO B 3 11.68 7.01 25.24
CA PRO B 3 11.22 6.74 26.61
C PRO B 3 10.35 5.49 26.71
N HIS B 4 10.51 4.74 27.80
CA HIS B 4 9.84 3.44 28.01
C HIS B 4 8.35 3.42 27.75
N LEU B 5 7.65 4.49 28.16
CA LEU B 5 6.20 4.59 28.03
C LEU B 5 5.73 4.62 26.58
N ILE B 6 6.44 5.39 25.75
CA ILE B 6 6.13 5.53 24.32
C ILE B 6 6.28 4.18 23.60
N LEU B 7 7.27 3.39 24.00
CA LEU B 7 7.43 2.01 23.52
C LEU B 7 6.14 1.21 23.69
N GLU B 8 5.52 1.36 24.86
CA GLU B 8 4.31 0.63 25.21
C GLU B 8 3.09 1.17 24.46
N LEU B 9 3.11 2.48 24.19
CA LEU B 9 2.08 3.13 23.37
C LEU B 9 2.13 2.63 21.93
N LEU B 10 3.34 2.37 21.45
CA LEU B 10 3.57 1.89 20.08
C LEU B 10 3.14 0.43 19.89
N LYS B 11 3.26 -0.37 20.95
CA LYS B 11 2.90 -1.79 20.89
C LYS B 11 1.43 -2.02 20.55
N CYS B 12 0.57 -1.17 21.12
CA CYS B 12 -0.87 -1.22 20.85
C CYS B 12 -1.25 -0.30 19.69
N GLU B 13 -0.52 -0.44 18.58
CA GLU B 13 -0.81 0.27 17.34
C GLU B 13 -1.38 -0.74 16.34
N PRO B 14 -2.36 -0.30 15.52
CA PRO B 14 -2.96 -1.23 14.57
C PRO B 14 -1.97 -1.66 13.48
N ASP B 15 -2.03 -2.94 13.09
CA ASP B 15 -1.28 -3.41 11.95
C ASP B 15 -1.86 -2.73 10.70
N GLU B 16 -1.24 -1.62 10.32
CA GLU B 16 -1.69 -0.78 9.21
C GLU B 16 -2.00 -1.57 7.93
N PRO B 17 -1.04 -2.40 7.45
CA PRO B 17 -1.31 -3.29 6.31
C PRO B 17 -2.61 -4.08 6.45
N GLN B 18 -2.82 -4.71 7.61
CA GLN B 18 -4.03 -5.47 7.89
C GLN B 18 -5.28 -4.58 7.90
N VAL B 19 -5.19 -3.45 8.59
CA VAL B 19 -6.30 -2.51 8.72
C VAL B 19 -6.78 -2.01 7.35
N GLN B 20 -5.83 -1.68 6.48
CA GLN B 20 -6.12 -1.20 5.14
C GLN B 20 -6.80 -2.27 4.27
N ALA B 21 -6.48 -3.54 4.55
CA ALA B 21 -7.06 -4.67 3.82
C ALA B 21 -8.52 -4.93 4.19
N LYS B 22 -8.84 -4.82 5.48
CA LYS B 22 -10.20 -5.05 5.97
C LYS B 22 -11.19 -4.07 5.35
N ILE B 23 -10.80 -2.79 5.29
CA ILE B 23 -11.66 -1.73 4.76
C ILE B 23 -11.75 -1.78 3.23
N MET B 24 -10.61 -2.06 2.57
CA MET B 24 -10.56 -2.19 1.12
C MET B 24 -11.52 -3.28 0.62
N ALA B 25 -11.60 -4.38 1.38
CA ALA B 25 -12.51 -5.48 1.09
C ALA B 25 -13.95 -5.16 1.47
N TYR B 26 -14.12 -4.34 2.51
CA TYR B 26 -15.46 -3.93 2.95
C TYR B 26 -16.09 -2.93 1.98
N LEU B 27 -15.24 -2.14 1.32
CA LEU B 27 -15.72 -1.15 0.36
C LEU B 27 -16.05 -1.76 -1.00
N GLN B 28 -15.10 -2.47 -1.60
CA GLN B 28 -15.25 -2.99 -2.96
C GLN B 28 -16.13 -4.25 -3.04
N GLN B 29 -15.79 -5.26 -2.24
CA GLN B 29 -16.48 -6.57 -2.27
C GLN B 29 -17.94 -6.44 -1.83
N GLU B 30 -18.17 -5.65 -0.78
CA GLU B 30 -19.52 -5.45 -0.27
C GLU B 30 -20.25 -4.34 -1.05
N GLN B 31 -20.33 -4.53 -2.36
CA GLN B 31 -21.13 -3.69 -3.25
C GLN B 31 -21.86 -4.52 -4.30
N ALA B 32 -22.19 -5.76 -3.93
CA ALA B 32 -22.93 -6.67 -4.79
C ALA B 32 -24.39 -6.79 -4.35
N LYS B 39 -26.50 0.81 -5.48
CA LYS B 39 -25.25 1.47 -5.87
C LYS B 39 -25.00 2.73 -5.05
N LEU B 40 -23.78 2.85 -4.54
CA LEU B 40 -23.38 4.00 -3.73
C LEU B 40 -22.48 4.94 -4.53
N SER B 41 -22.75 6.24 -4.41
CA SER B 41 -21.96 7.27 -5.07
C SER B 41 -20.61 7.44 -4.37
N THR B 42 -19.89 8.52 -4.71
CA THR B 42 -18.62 8.84 -4.07
C THR B 42 -18.80 9.12 -2.57
N PHE B 43 -19.70 10.07 -2.27
CA PHE B 43 -20.03 10.42 -0.88
C PHE B 43 -20.54 9.21 -0.09
N GLY B 44 -21.15 8.26 -0.80
CA GLY B 44 -21.66 7.03 -0.21
C GLY B 44 -20.57 6.15 0.39
N LEU B 45 -19.54 5.85 -0.39
CA LEU B 45 -18.40 5.06 0.07
C LEU B 45 -17.55 5.84 1.08
N MET B 46 -17.40 7.14 0.85
CA MET B 46 -16.60 8.00 1.72
C MET B 46 -17.11 8.06 3.15
N CYS B 47 -18.41 7.83 3.32
CA CYS B 47 -19.03 7.75 4.64
C CYS B 47 -18.77 6.40 5.30
N LYS B 48 -18.85 5.33 4.50
CA LYS B 48 -18.63 3.96 4.99
C LYS B 48 -17.15 3.65 5.18
N MET B 49 -16.31 4.36 4.44
CA MET B 49 -14.86 4.31 4.61
C MET B 49 -14.47 4.98 5.93
N ALA B 50 -15.04 6.16 6.19
CA ALA B 50 -14.86 6.86 7.45
C ALA B 50 -15.53 6.13 8.62
N ASP B 51 -16.62 5.42 8.32
CA ASP B 51 -17.32 4.60 9.30
C ASP B 51 -16.47 3.42 9.75
N GLN B 52 -15.80 2.76 8.80
CA GLN B 52 -14.93 1.62 9.10
C GLN B 52 -13.61 2.04 9.72
N THR B 53 -13.18 3.28 9.44
CA THR B 53 -12.02 3.87 10.12
C THR B 53 -12.35 4.10 11.59
N LEU B 54 -13.55 4.64 11.84
CA LEU B 54 -14.03 4.89 13.21
C LEU B 54 -14.12 3.60 14.02
N PHE B 55 -14.71 2.56 13.42
CA PHE B 55 -14.85 1.26 14.07
C PHE B 55 -13.49 0.65 14.43
N SER B 56 -12.52 0.83 13.52
CA SER B 56 -11.16 0.34 13.72
C SER B 56 -10.43 1.09 14.84
N ILE B 57 -10.66 2.39 14.93
CA ILE B 57 -10.10 3.23 15.98
C ILE B 57 -10.73 2.88 17.34
N VAL B 58 -12.03 2.59 17.32
CA VAL B 58 -12.75 2.09 18.49
C VAL B 58 -12.10 0.80 19.00
N GLU B 59 -11.79 -0.11 18.07
CA GLU B 59 -11.05 -1.33 18.38
C GLU B 59 -9.68 -1.02 18.97
N TRP B 60 -8.97 -0.08 18.33
CA TRP B 60 -7.64 0.36 18.78
C TRP B 60 -7.67 0.83 20.24
N ALA B 61 -8.72 1.55 20.60
CA ALA B 61 -8.87 2.10 21.95
C ALA B 61 -9.12 1.00 22.98
N ARG B 62 -10.13 0.17 22.74
CA ARG B 62 -10.54 -0.89 23.68
C ARG B 62 -9.45 -1.94 23.91
N SER B 63 -8.44 -1.94 23.04
CA SER B 63 -7.29 -2.85 23.15
C SER B 63 -6.04 -2.14 23.65
N SER B 64 -6.11 -0.80 23.76
CA SER B 64 -4.98 0.00 24.23
C SER B 64 -4.67 -0.21 25.69
N ILE B 65 -3.37 -0.22 26.00
CA ILE B 65 -2.89 -0.25 27.37
C ILE B 65 -3.50 0.92 28.15
N PHE B 66 -3.85 0.68 29.42
CA PHE B 66 -4.48 1.68 30.31
C PHE B 66 -5.95 1.96 30.01
N PHE B 67 -6.29 2.25 28.75
CA PHE B 67 -7.67 2.49 28.35
C PHE B 67 -8.54 1.26 28.64
N ARG B 68 -7.95 0.08 28.43
CA ARG B 68 -8.61 -1.20 28.68
C ARG B 68 -8.88 -1.45 30.17
N GLU B 69 -8.28 -0.63 31.02
CA GLU B 69 -8.47 -0.74 32.47
C GLU B 69 -9.84 -0.21 32.88
N LEU B 70 -10.37 0.71 32.09
CA LEU B 70 -11.61 1.41 32.40
C LEU B 70 -12.85 0.56 32.11
N LYS B 71 -13.85 0.69 32.97
CA LYS B 71 -15.17 0.10 32.74
C LYS B 71 -15.88 0.81 31.59
N VAL B 72 -16.84 0.12 30.97
CA VAL B 72 -17.47 0.58 29.72
C VAL B 72 -17.94 2.04 29.71
N ASP B 73 -18.59 2.48 30.79
CA ASP B 73 -19.14 3.84 30.84
C ASP B 73 -18.03 4.90 30.85
N ASP B 74 -16.93 4.60 31.55
CA ASP B 74 -15.73 5.42 31.49
C ASP B 74 -15.17 5.48 30.07
N GLN B 75 -15.12 4.33 29.41
CA GLN B 75 -14.65 4.21 28.04
C GLN B 75 -15.55 4.99 27.08
N MET B 76 -16.85 4.70 27.14
CA MET B 76 -17.85 5.35 26.28
C MET B 76 -17.87 6.87 26.45
N LYS B 77 -17.79 7.34 27.69
CA LYS B 77 -17.70 8.77 27.98
C LYS B 77 -16.45 9.39 27.36
N LEU B 78 -15.36 8.62 27.35
CA LEU B 78 -14.07 9.09 26.82
C LEU B 78 -14.04 9.09 25.30
N LEU B 79 -14.66 8.08 24.68
CA LEU B 79 -14.78 8.01 23.22
C LEU B 79 -15.55 9.18 22.63
N GLN B 80 -16.73 9.46 23.19
CA GLN B 80 -17.63 10.50 22.70
C GLN B 80 -17.01 11.90 22.61
N ASN B 81 -16.08 12.21 23.52
CA ASN B 81 -15.38 13.49 23.53
C ASN B 81 -14.43 13.66 22.34
N CYS B 82 -13.80 12.55 21.92
CA CYS B 82 -12.70 12.62 20.96
C CYS B 82 -12.89 11.82 19.66
N TRP B 83 -14.01 11.09 19.55
CA TRP B 83 -14.21 10.17 18.43
C TRP B 83 -13.83 10.75 17.06
N SER B 84 -14.28 11.97 16.79
CA SER B 84 -14.04 12.63 15.50
C SER B 84 -12.70 13.34 15.43
N GLU B 85 -12.12 13.63 16.59
CA GLU B 85 -10.75 14.15 16.67
C GLU B 85 -9.76 13.09 16.23
N LEU B 86 -10.06 11.85 16.57
CA LEU B 86 -9.25 10.69 16.18
C LEU B 86 -9.30 10.44 14.68
N LEU B 87 -10.50 10.51 14.09
CA LEU B 87 -10.68 10.35 12.65
C LEU B 87 -9.82 11.35 11.87
N ILE B 88 -9.93 12.62 12.24
CA ILE B 88 -9.22 13.70 11.56
C ILE B 88 -7.70 13.63 11.76
N LEU B 89 -7.24 13.26 12.95
CA LEU B 89 -5.81 13.07 13.21
C LEU B 89 -5.26 11.86 12.46
N ASP B 90 -5.99 10.74 12.53
CA ASP B 90 -5.68 9.54 11.76
C ASP B 90 -5.58 9.88 10.27
N HIS B 91 -6.47 10.77 9.80
CA HIS B 91 -6.45 11.25 8.42
C HIS B 91 -5.29 12.21 8.16
N ILE B 92 -5.11 13.18 9.05
CA ILE B 92 -4.07 14.21 8.90
C ILE B 92 -2.66 13.61 8.93
N TYR B 93 -2.44 12.67 9.84
CA TYR B 93 -1.15 11.96 9.90
C TYR B 93 -0.92 11.05 8.70
N ARG B 94 -2.01 10.64 8.03
CA ARG B 94 -1.90 9.87 6.80
C ARG B 94 -1.41 10.74 5.64
N GLN B 95 -1.79 12.02 5.65
CA GLN B 95 -1.36 12.98 4.63
C GLN B 95 0.03 13.53 4.89
N VAL B 96 0.56 13.31 6.09
CA VAL B 96 1.92 13.71 6.45
C VAL B 96 2.93 12.67 5.95
N VAL B 97 2.61 11.41 6.14
CA VAL B 97 3.47 10.30 5.73
C VAL B 97 3.37 10.04 4.23
N HIS B 98 2.15 9.72 3.77
CA HIS B 98 1.91 9.27 2.41
C HIS B 98 1.39 10.38 1.49
N GLY B 99 0.91 11.45 2.09
CA GLY B 99 0.22 12.51 1.35
C GLY B 99 1.06 13.30 0.35
N LYS B 100 0.36 14.01 -0.52
CA LYS B 100 0.98 14.89 -1.51
C LYS B 100 0.11 16.13 -1.63
N GLU B 101 0.64 17.19 -2.23
CA GLU B 101 -0.04 18.48 -2.30
C GLU B 101 -1.25 18.49 -3.25
N GLY B 102 -1.22 17.60 -4.24
CA GLY B 102 -2.30 17.49 -5.21
C GLY B 102 -3.09 16.20 -5.13
N SER B 103 -2.87 15.42 -4.06
CA SER B 103 -3.56 14.14 -3.90
C SER B 103 -3.80 13.71 -2.44
N ILE B 104 -4.93 13.06 -2.20
CA ILE B 104 -5.33 12.59 -0.87
C ILE B 104 -5.14 11.08 -0.75
N PHE B 105 -4.33 10.66 0.22
CA PHE B 105 -4.11 9.24 0.48
C PHE B 105 -5.19 8.68 1.40
N LEU B 106 -5.86 7.62 0.93
CA LEU B 106 -6.99 7.04 1.66
C LEU B 106 -6.54 5.91 2.58
N VAL B 107 -7.35 5.62 3.60
CA VAL B 107 -7.10 4.52 4.54
C VAL B 107 -7.00 3.17 3.82
N THR B 108 -7.38 3.16 2.56
CA THR B 108 -7.35 1.94 1.74
C THR B 108 -6.20 1.95 0.72
N GLY B 109 -5.17 2.74 1.01
CA GLY B 109 -3.97 2.82 0.18
C GLY B 109 -4.15 3.50 -1.16
N GLN B 110 -5.32 4.11 -1.37
CA GLN B 110 -5.68 4.73 -2.65
C GLN B 110 -5.24 6.19 -2.70
N GLN B 111 -5.28 6.77 -3.90
CA GLN B 111 -4.90 8.17 -4.10
C GLN B 111 -5.87 8.85 -5.06
N VAL B 112 -6.40 10.00 -4.64
CA VAL B 112 -7.32 10.81 -5.45
C VAL B 112 -6.87 12.27 -5.39
N ASP B 113 -7.20 13.05 -6.42
CA ASP B 113 -6.71 14.42 -6.55
C ASP B 113 -7.42 15.45 -5.67
N TYR B 114 -6.69 16.51 -5.30
CA TYR B 114 -7.26 17.67 -4.60
C TYR B 114 -8.12 18.51 -5.55
N SER B 115 -7.90 18.31 -6.85
CA SER B 115 -8.69 18.97 -7.89
C SER B 115 -9.91 18.14 -8.26
N ILE B 116 -9.77 16.82 -8.22
CA ILE B 116 -10.87 15.89 -8.50
C ILE B 116 -11.89 15.87 -7.37
N ILE B 117 -11.42 15.89 -6.12
CA ILE B 117 -12.29 15.88 -4.95
C ILE B 117 -13.01 17.22 -4.76
N ALA B 118 -12.49 18.28 -5.38
CA ALA B 118 -13.11 19.61 -5.33
C ALA B 118 -14.32 19.72 -6.25
N SER B 119 -14.63 18.63 -6.96
CA SER B 119 -15.77 18.57 -7.87
C SER B 119 -16.76 17.47 -7.48
N HIS B 120 -16.25 16.42 -6.83
CA HIS B 120 -17.06 15.31 -6.35
C HIS B 120 -17.82 15.67 -5.08
N THR B 121 -17.51 16.85 -4.53
CA THR B 121 -18.14 17.38 -3.32
C THR B 121 -18.50 18.86 -3.50
N GLU B 122 -18.85 19.54 -2.40
CA GLU B 122 -19.27 20.94 -2.46
C GLU B 122 -18.34 21.92 -1.72
N VAL B 123 -18.76 23.18 -1.65
CA VAL B 123 -17.97 24.28 -1.09
C VAL B 123 -17.65 24.10 0.39
N ALA B 124 -18.65 23.68 1.17
CA ALA B 124 -18.49 23.46 2.61
C ALA B 124 -17.43 22.41 2.91
N PHE B 125 -17.52 21.26 2.24
CA PHE B 125 -16.56 20.17 2.36
C PHE B 125 -15.15 20.60 2.00
N ASN B 126 -15.04 21.49 1.02
CA ASN B 126 -13.75 21.97 0.53
C ASN B 126 -12.96 22.78 1.56
N ASN B 127 -13.69 23.53 2.41
CA ASN B 127 -13.07 24.30 3.48
C ASN B 127 -12.52 23.43 4.62
N LEU B 128 -13.03 22.21 4.73
CA LEU B 128 -12.49 21.21 5.65
C LEU B 128 -11.11 20.74 5.20
N MET B 129 -11.04 20.23 3.97
CA MET B 129 -9.79 19.73 3.39
C MET B 129 -8.72 20.81 3.30
N SER B 130 -9.16 22.03 2.98
CA SER B 130 -8.27 23.20 2.93
C SER B 130 -7.72 23.54 4.31
N HIS B 131 -8.59 23.48 5.33
CA HIS B 131 -8.20 23.75 6.71
C HIS B 131 -7.40 22.58 7.29
N ALA B 132 -7.68 21.38 6.80
CA ALA B 132 -6.96 20.18 7.24
C ALA B 132 -5.61 20.03 6.58
N GLN B 133 -5.35 20.82 5.54
CA GLN B 133 -4.09 20.74 4.79
C GLN B 133 -3.05 21.76 5.24
N GLU B 134 -3.51 22.80 5.95
CA GLU B 134 -2.61 23.73 6.61
C GLU B 134 -1.93 23.02 7.77
N LEU B 135 -2.69 22.18 8.47
CA LEU B 135 -2.18 21.34 9.55
C LEU B 135 -1.22 20.27 9.05
N VAL B 136 -1.57 19.64 7.93
CA VAL B 136 -0.70 18.64 7.29
C VAL B 136 0.64 19.26 6.90
N ALA B 137 0.58 20.44 6.29
CA ALA B 137 1.78 21.17 5.89
C ALA B 137 2.61 21.60 7.10
N LYS B 138 1.94 22.09 8.14
CA LYS B 138 2.62 22.54 9.36
C LYS B 138 3.24 21.39 10.14
N LEU B 139 2.62 20.21 10.06
CA LEU B 139 3.18 19.00 10.67
C LEU B 139 4.34 18.44 9.86
N ARG B 140 4.26 18.58 8.54
CA ARG B 140 5.39 18.28 7.65
C ARG B 140 6.55 19.23 7.93
N SER B 141 6.20 20.50 8.13
CA SER B 141 7.17 21.56 8.41
C SER B 141 7.94 21.31 9.69
N LEU B 142 7.26 20.77 10.69
CA LEU B 142 7.85 20.53 12.01
C LEU B 142 8.46 19.12 12.16
N GLN B 143 8.53 18.37 11.06
CA GLN B 143 9.06 17.00 11.10
C GLN B 143 8.30 16.16 12.13
N PHE B 144 6.98 16.06 11.93
CA PHE B 144 6.11 15.31 12.83
C PHE B 144 6.19 13.82 12.51
N ASP B 145 6.65 13.05 13.50
CA ASP B 145 6.88 11.61 13.30
C ASP B 145 5.86 10.73 14.04
N GLN B 146 6.02 9.42 13.87
CA GLN B 146 5.10 8.41 14.42
C GLN B 146 5.07 8.37 15.95
N ARG B 147 6.21 8.64 16.57
CA ARG B 147 6.37 8.49 18.01
C ARG B 147 5.73 9.62 18.81
N GLU B 148 5.74 10.83 18.25
CA GLU B 148 4.99 11.95 18.79
C GLU B 148 3.53 11.92 18.33
N PHE B 149 3.23 11.02 17.39
CA PHE B 149 1.88 10.82 16.87
C PHE B 149 1.00 10.01 17.82
N VAL B 150 1.52 8.86 18.28
CA VAL B 150 0.84 8.03 19.27
C VAL B 150 0.63 8.79 20.58
N CYS B 151 1.59 9.66 20.91
CA CYS B 151 1.49 10.55 22.06
C CYS B 151 0.28 11.47 21.94
N LEU B 152 0.01 11.92 20.71
CA LEU B 152 -1.14 12.77 20.42
C LEU B 152 -2.46 11.99 20.46
N LYS B 153 -2.48 10.81 19.81
CA LYS B 153 -3.65 9.92 19.86
C LYS B 153 -4.11 9.66 21.30
N PHE B 154 -3.15 9.70 22.22
CA PHE B 154 -3.39 9.45 23.64
C PHE B 154 -3.72 10.73 24.42
N LEU B 155 -3.05 11.82 24.07
CA LEU B 155 -3.39 13.14 24.62
C LEU B 155 -4.80 13.56 24.23
N VAL B 156 -5.23 13.10 23.06
CA VAL B 156 -6.57 13.34 22.55
C VAL B 156 -7.58 12.38 23.18
N LEU B 157 -7.22 11.10 23.24
CA LEU B 157 -8.09 10.08 23.84
C LEU B 157 -8.29 10.33 25.33
N PHE B 158 -7.21 10.57 26.04
CA PHE B 158 -7.27 10.89 27.46
C PHE B 158 -7.29 12.41 27.64
N SER B 159 -8.48 12.98 27.50
CA SER B 159 -8.69 14.42 27.54
C SER B 159 -8.91 14.94 28.96
N LEU B 160 -8.37 16.12 29.22
CA LEU B 160 -8.48 16.76 30.53
C LEU B 160 -9.86 17.40 30.72
N ASP B 161 -10.50 17.75 29.60
CA ASP B 161 -11.75 18.52 29.61
C ASP B 161 -13.02 17.69 29.88
N VAL B 162 -12.88 16.37 29.92
CA VAL B 162 -14.00 15.47 30.25
C VAL B 162 -14.29 15.54 31.75
N LYS B 163 -15.56 15.55 32.14
CA LYS B 163 -15.94 15.97 33.49
C LYS B 163 -16.49 14.95 34.49
N ASN B 164 -17.17 13.91 34.03
CA ASN B 164 -17.77 12.94 34.96
C ASN B 164 -17.31 11.50 34.80
N LEU B 165 -16.06 11.25 35.18
CA LEU B 165 -15.44 9.93 35.09
C LEU B 165 -15.16 9.38 36.48
N GLU B 166 -15.51 8.11 36.69
CA GLU B 166 -15.29 7.45 37.99
C GLU B 166 -13.80 7.26 38.27
N ASN B 167 -13.05 6.89 37.23
CA ASN B 167 -11.60 6.77 37.32
C ASN B 167 -10.92 8.00 36.72
N PHE B 168 -11.24 9.16 37.28
CA PHE B 168 -10.59 10.42 36.93
C PHE B 168 -9.10 10.34 37.24
N GLN B 169 -8.76 9.38 38.10
CA GLN B 169 -7.40 9.17 38.59
C GLN B 169 -6.45 8.66 37.50
N LEU B 170 -6.85 7.58 36.83
CA LEU B 170 -6.03 6.97 35.77
C LEU B 170 -5.87 7.89 34.57
N VAL B 171 -6.96 8.53 34.16
CA VAL B 171 -6.98 9.45 33.02
C VAL B 171 -5.98 10.60 33.22
N GLU B 172 -6.00 11.20 34.40
CA GLU B 172 -5.04 12.23 34.77
C GLU B 172 -3.62 11.70 34.84
N GLY B 173 -3.48 10.44 35.23
CA GLY B 173 -2.17 9.78 35.28
C GLY B 173 -1.52 9.64 33.91
N VAL B 174 -2.26 9.05 32.97
CA VAL B 174 -1.78 8.86 31.60
C VAL B 174 -1.56 10.19 30.88
N GLN B 175 -2.54 11.08 30.96
CA GLN B 175 -2.45 12.44 30.40
C GLN B 175 -1.20 13.17 30.91
N GLU B 176 -0.88 12.97 32.19
CA GLU B 176 0.30 13.57 32.80
C GLU B 176 1.58 12.91 32.28
N GLN B 177 1.62 11.58 32.31
CA GLN B 177 2.82 10.83 31.93
C GLN B 177 3.19 10.88 30.44
N VAL B 178 2.17 10.90 29.59
CA VAL B 178 2.40 10.91 28.14
C VAL B 178 2.89 12.29 27.65
N ASN B 179 2.23 13.36 28.13
CA ASN B 179 2.65 14.73 27.84
C ASN B 179 4.07 15.01 28.34
N ALA B 180 4.43 14.42 29.47
CA ALA B 180 5.77 14.51 30.02
C ALA B 180 6.77 13.73 29.17
N ALA B 181 6.38 12.52 28.75
CA ALA B 181 7.21 11.68 27.90
C ALA B 181 7.39 12.26 26.51
N LEU B 182 6.37 12.96 26.03
CA LEU B 182 6.42 13.68 24.75
C LEU B 182 7.50 14.74 24.78
N LEU B 183 7.43 15.63 25.78
CA LEU B 183 8.41 16.70 25.99
C LEU B 183 9.84 16.15 26.02
N ASP B 184 10.04 15.08 26.79
CA ASP B 184 11.33 14.41 26.88
C ASP B 184 11.81 13.94 25.51
N TYR B 185 10.90 13.30 24.76
CA TYR B 185 11.21 12.77 23.43
C TYR B 185 11.57 13.87 22.43
N THR B 186 10.64 14.81 22.21
CA THR B 186 10.80 15.87 21.21
C THR B 186 11.97 16.81 21.50
N MET B 187 12.50 16.70 22.72
CA MET B 187 13.70 17.43 23.11
C MET B 187 14.95 16.63 22.76
N CYS B 188 14.92 15.33 23.05
CA CYS B 188 16.06 14.46 22.82
C CYS B 188 16.33 14.20 21.34
N ASN B 189 15.28 13.84 20.61
CA ASN B 189 15.39 13.48 19.19
C ASN B 189 15.54 14.68 18.27
N TYR B 190 14.98 15.82 18.67
CA TYR B 190 15.02 17.05 17.88
C TYR B 190 15.34 18.29 18.73
N PRO B 191 16.56 18.36 19.29
CA PRO B 191 16.95 19.53 20.10
C PRO B 191 17.16 20.79 19.26
N GLN B 192 17.52 20.61 17.99
CA GLN B 192 17.72 21.69 17.04
C GLN B 192 16.43 22.49 16.83
N GLN B 193 15.32 21.76 16.71
CA GLN B 193 14.00 22.37 16.63
C GLN B 193 13.45 22.55 18.04
N THR B 194 13.75 23.70 18.64
CA THR B 194 13.43 23.98 20.04
C THR B 194 11.93 24.17 20.28
N GLU B 195 11.35 25.09 19.53
CA GLU B 195 9.93 25.48 19.65
C GLU B 195 8.90 24.35 19.47
N LYS B 196 9.38 23.17 19.09
CA LYS B 196 8.52 22.06 18.64
C LYS B 196 7.46 21.56 19.62
N PHE B 197 7.87 21.10 20.80
CA PHE B 197 6.95 20.48 21.77
C PHE B 197 5.65 21.28 21.96
N GLY B 198 5.80 22.55 22.30
CA GLY B 198 4.66 23.44 22.51
C GLY B 198 3.92 23.72 21.21
N GLN B 199 4.67 23.84 20.12
CA GLN B 199 4.10 24.09 18.79
C GLN B 199 3.13 22.99 18.36
N LEU B 200 3.48 21.74 18.67
CA LEU B 200 2.62 20.59 18.35
C LEU B 200 1.59 20.26 19.45
N LEU B 201 1.57 21.06 20.51
CA LEU B 201 0.49 21.04 21.48
C LEU B 201 -0.56 22.09 21.12
N LEU B 202 -0.11 23.11 20.38
CA LEU B 202 -0.98 24.16 19.86
C LEU B 202 -1.85 23.62 18.73
N ARG B 203 -1.62 22.37 18.36
CA ARG B 203 -2.31 21.73 17.24
C ARG B 203 -3.56 20.95 17.66
N LEU B 204 -3.59 20.50 18.91
CA LEU B 204 -4.74 19.77 19.45
C LEU B 204 -6.06 20.57 19.43
N PRO B 205 -6.01 21.89 19.77
CA PRO B 205 -7.24 22.69 19.66
C PRO B 205 -7.66 22.97 18.21
N GLU B 206 -6.77 22.73 17.26
CA GLU B 206 -7.08 22.93 15.83
C GLU B 206 -7.74 21.69 15.24
N ILE B 207 -7.27 20.51 15.65
CA ILE B 207 -7.90 19.25 15.28
C ILE B 207 -9.32 19.21 15.84
N ARG B 208 -9.46 19.64 17.10
CA ARG B 208 -10.76 19.80 17.75
C ARG B 208 -11.65 20.80 17.00
N ALA B 209 -11.05 21.87 16.49
CA ALA B 209 -11.77 22.87 15.69
C ALA B 209 -12.28 22.28 14.38
N ILE B 210 -11.41 21.55 13.67
CA ILE B 210 -11.77 20.89 12.42
C ILE B 210 -12.80 19.78 12.65
N SER B 211 -12.60 19.02 13.72
CA SER B 211 -13.50 17.92 14.08
C SER B 211 -14.92 18.38 14.32
N MET B 212 -15.06 19.56 14.93
CA MET B 212 -16.36 20.16 15.19
C MET B 212 -17.05 20.56 13.89
N GLN B 213 -16.28 21.16 12.98
CA GLN B 213 -16.76 21.52 11.65
C GLN B 213 -17.17 20.29 10.85
N ALA B 214 -16.32 19.26 10.89
CA ALA B 214 -16.59 17.99 10.22
C ALA B 214 -17.89 17.36 10.70
N GLU B 215 -18.11 17.41 12.01
CA GLU B 215 -19.33 16.89 12.63
C GLU B 215 -20.59 17.59 12.11
N GLU B 216 -20.60 18.92 12.18
CA GLU B 216 -21.75 19.72 11.74
C GLU B 216 -22.10 19.52 10.27
N TYR B 217 -21.08 19.46 9.42
CA TYR B 217 -21.25 19.16 8.00
C TYR B 217 -21.81 17.75 7.82
N LEU B 218 -21.25 16.80 8.58
CA LEU B 218 -21.70 15.41 8.55
C LEU B 218 -23.11 15.26 9.14
N TYR B 219 -23.39 16.03 10.19
CA TYR B 219 -24.71 16.01 10.85
C TYR B 219 -25.80 16.48 9.90
N TYR B 220 -25.59 17.64 9.28
CA TYR B 220 -26.53 18.18 8.31
C TYR B 220 -26.79 17.18 7.19
N LYS B 221 -25.72 16.64 6.61
CA LYS B 221 -25.80 15.69 5.50
C LYS B 221 -26.68 14.49 5.83
N HIS B 222 -26.69 14.11 7.10
CA HIS B 222 -27.56 13.05 7.61
C HIS B 222 -29.02 13.48 7.62
N LEU B 223 -29.27 14.69 8.13
CA LEU B 223 -30.63 15.25 8.17
C LEU B 223 -31.16 15.51 6.76
N ASN B 224 -30.27 15.89 5.86
CA ASN B 224 -30.61 16.10 4.45
C ASN B 224 -30.82 14.79 3.70
N GLY B 225 -30.65 13.68 4.42
CA GLY B 225 -30.88 12.34 3.87
C GLY B 225 -29.89 11.95 2.79
N ASP B 226 -28.61 12.24 3.04
CA ASP B 226 -27.54 11.93 2.08
C ASP B 226 -26.56 10.89 2.62
N VAL B 227 -26.85 10.36 3.81
CA VAL B 227 -25.94 9.41 4.48
C VAL B 227 -26.48 7.98 4.48
N PRO B 228 -25.73 7.04 3.86
CA PRO B 228 -26.05 5.62 3.87
C PRO B 228 -25.35 4.88 5.01
N LEU B 232 -22.86 3.33 12.79
CA LEU B 232 -22.00 3.63 13.92
C LEU B 232 -21.58 5.10 13.94
N LEU B 233 -21.29 5.63 12.75
CA LEU B 233 -20.86 7.03 12.60
C LEU B 233 -21.93 8.02 13.07
N ILE B 234 -23.18 7.75 12.69
CA ILE B 234 -24.33 8.57 13.10
C ILE B 234 -24.62 8.39 14.58
N GLU B 235 -24.61 7.14 15.03
CA GLU B 235 -24.82 6.76 16.43
C GLU B 235 -23.99 7.61 17.38
N MET B 236 -22.68 7.68 17.11
CA MET B 236 -21.73 8.45 17.91
C MET B 236 -22.07 9.95 17.94
N LEU B 237 -22.37 10.48 16.75
CA LEU B 237 -22.71 11.90 16.59
C LEU B 237 -24.01 12.26 17.31
N HIS B 238 -25.00 11.37 17.21
CA HIS B 238 -26.28 11.54 17.88
C HIS B 238 -26.18 11.10 19.36
N ALA B 239 -25.35 11.81 20.11
CA ALA B 239 -25.14 11.54 21.53
C ALA B 239 -24.75 12.81 22.27
#